data_6HG9
#
_entry.id   6HG9
#
_cell.length_a   160.312
_cell.length_b   160.312
_cell.length_c   197.983
_cell.angle_alpha   90.000
_cell.angle_beta   90.000
_cell.angle_gamma   120.000
#
_symmetry.space_group_name_H-M   'H 3 2'
#
loop_
_entity.id
_entity.type
_entity.pdbx_description
1 polymer Interleukin-17F
2 polymer 'Interleukin-17 receptor C'
#
loop_
_entity_poly.entity_id
_entity_poly.type
_entity_poly.pdbx_seq_one_letter_code
_entity_poly.pdbx_strand_id
1 'polypeptide(L)'
;EFRHDSRKIPKVGHTFFQKPESCPPVPGGSMKLDIGIINENQRVSMSRNIESRSTSPWNYTVTWDPNRYPSEVVQAQCRN
LGCINAQGKEDISMNSVPIQQETLVVRRKHQGCSVSFQLEKVLVTVGCTCVTPVIHHVQ
;
A
2 'polypeptide(L)'
;LERLVGPQDATHCSPGLSCRLWDSDILCLPGDIVPAPGPVLAPTHLQTELVLRCQKETDCDLCLRVAVHLAVHGHWEEPE
DEEKFGGAADSGVEEPRQASLQAQVVLSFQAYPTARCVLLEVQVPAALVQFGQSVGSVVYDCFEAALGSEVRIWSYTQPR
YEKELQHTQQLPDCRGLEVWNSIPSCWALPWLQVSADGDNVHLVLQVSEEQHFGLSLYWNQVQGPPKPRWHKNLTGPQII
TLQHTDLVPCLCIQVWPLEPDSVRTNICPFREDPRAHQNLWQAARLRLLTLQSWLLDAPCSLPAEAALCWRAPGGDPCQP
LVPPLSWEQVTVDKVLEFPLLKGHPNLCVQVQSSEKLQLQECLWADSLGPLKDDVLLLETRGPQDQRSLCALEPSGCTSL
PSKASTRAARLGEYLLQDLQSGQCLQLWDDDLGALWACPMDKYIHKREFRH
;
B
#
# COMPACT_ATOMS: atom_id res chain seq x y z
N SER A 30 38.32 -41.20 1.49
CA SER A 30 37.06 -40.54 1.82
C SER A 30 36.55 -40.96 3.20
N MET A 31 35.70 -40.11 3.77
CA MET A 31 35.11 -40.20 5.10
C MET A 31 33.58 -40.32 5.06
N LYS A 32 33.06 -40.68 6.23
CA LYS A 32 31.63 -40.90 6.45
C LYS A 32 30.88 -39.59 6.68
N LEU A 33 29.86 -39.42 5.85
CA LEU A 33 28.87 -38.35 5.86
C LEU A 33 27.55 -38.95 6.30
N ASP A 34 27.04 -38.50 7.45
CA ASP A 34 25.80 -39.06 7.95
C ASP A 34 24.64 -38.50 7.14
N ILE A 35 23.63 -39.36 6.97
CA ILE A 35 22.45 -39.01 6.19
C ILE A 35 21.58 -37.93 6.84
N GLY A 36 21.49 -37.89 8.17
CA GLY A 36 20.71 -36.84 8.79
C GLY A 36 21.39 -35.49 8.70
N ILE A 37 20.56 -34.45 8.55
CA ILE A 37 21.00 -33.07 8.46
C ILE A 37 20.63 -32.34 9.76
N ILE A 38 21.63 -31.80 10.45
CA ILE A 38 21.32 -31.05 11.66
C ILE A 38 20.49 -29.85 11.25
N ASN A 39 19.38 -29.62 11.93
CA ASN A 39 18.53 -28.47 11.66
C ASN A 39 18.69 -27.43 12.74
N GLU A 40 18.81 -26.16 12.31
CA GLU A 40 18.97 -25.07 13.25
C GLU A 40 17.75 -24.91 14.15
N ASN A 41 16.55 -25.27 13.64
CA ASN A 41 15.23 -25.17 14.26
C ASN A 41 14.69 -23.74 14.30
N GLN A 42 15.50 -22.73 14.02
CA GLN A 42 15.04 -21.34 14.04
C GLN A 42 14.07 -21.12 12.90
N ARG A 43 13.11 -20.22 13.14
CA ARG A 43 12.10 -19.86 12.18
C ARG A 43 12.03 -18.34 12.12
N VAL A 44 13.22 -17.72 12.00
CA VAL A 44 13.38 -16.27 11.87
C VAL A 44 12.64 -15.71 10.66
N SER A 45 12.44 -16.52 9.61
CA SER A 45 11.72 -16.19 8.38
C SER A 45 10.50 -15.31 8.65
N MET A 46 10.54 -14.01 8.28
CA MET A 46 9.35 -13.21 8.60
C MET A 46 8.76 -12.39 7.46
N SER A 47 9.57 -11.69 6.67
CA SER A 47 9.05 -10.92 5.54
C SER A 47 8.24 -11.78 4.57
N ARG A 48 7.54 -11.08 3.67
CA ARG A 48 6.68 -11.66 2.65
C ARG A 48 6.70 -10.80 1.40
N ASN A 49 6.86 -11.45 0.24
CA ASN A 49 6.89 -10.81 -1.08
C ASN A 49 7.98 -9.74 -1.20
N ILE A 50 9.12 -10.01 -0.55
CA ILE A 50 10.28 -9.13 -0.60
C ILE A 50 10.61 -8.77 -2.04
N GLU A 51 10.60 -9.78 -2.92
CA GLU A 51 10.97 -9.62 -4.33
C GLU A 51 10.08 -8.64 -5.07
N SER A 52 8.85 -8.45 -4.64
CA SER A 52 7.95 -7.53 -5.31
C SER A 52 7.88 -6.18 -4.63
N ARG A 53 8.03 -6.16 -3.31
CA ARG A 53 7.98 -4.93 -2.53
C ARG A 53 9.29 -4.15 -2.59
N SER A 54 10.37 -4.80 -3.00
CA SER A 54 11.69 -4.20 -3.12
C SER A 54 11.75 -3.10 -4.17
N THR A 55 12.56 -2.07 -3.90
CA THR A 55 12.81 -0.99 -4.84
C THR A 55 13.69 -1.47 -6.00
N SER A 56 14.33 -2.62 -5.84
CA SER A 56 15.12 -3.30 -6.87
C SER A 56 14.48 -4.66 -7.05
N PRO A 57 13.28 -4.72 -7.64
CA PRO A 57 12.57 -6.01 -7.70
C PRO A 57 13.30 -7.02 -8.56
N TRP A 58 13.06 -8.30 -8.26
CA TRP A 58 13.68 -9.41 -8.97
C TRP A 58 12.64 -10.50 -9.25
N ASN A 59 13.01 -11.37 -10.19
CA ASN A 59 12.24 -12.52 -10.63
C ASN A 59 13.03 -13.77 -10.25
N TYR A 60 12.33 -14.90 -10.11
CA TYR A 60 12.99 -16.14 -9.74
C TYR A 60 12.99 -17.15 -10.88
N THR A 61 14.06 -17.94 -10.95
CA THR A 61 14.23 -19.03 -11.93
C THR A 61 14.59 -20.30 -11.18
N VAL A 62 13.69 -21.28 -11.20
CA VAL A 62 13.88 -22.56 -10.52
C VAL A 62 14.71 -23.51 -11.37
N THR A 63 15.94 -23.79 -10.96
CA THR A 63 16.78 -24.75 -11.65
C THR A 63 16.57 -26.09 -10.96
N TRP A 64 16.43 -27.17 -11.73
CA TRP A 64 16.17 -28.48 -11.15
C TRP A 64 17.21 -29.50 -11.60
N ASP A 65 17.74 -30.28 -10.64
CA ASP A 65 18.69 -31.38 -10.82
C ASP A 65 18.42 -32.53 -9.86
N PRO A 66 17.98 -33.70 -10.35
CA PRO A 66 17.67 -34.80 -9.42
C PRO A 66 18.87 -35.42 -8.75
N ASN A 67 20.08 -35.28 -9.30
CA ASN A 67 21.28 -35.79 -8.65
C ASN A 67 21.99 -34.72 -7.84
N ARG A 68 21.28 -33.65 -7.50
CA ARG A 68 21.80 -32.58 -6.67
C ARG A 68 20.91 -32.35 -5.46
N TYR A 69 21.54 -32.06 -4.32
CA TYR A 69 20.84 -31.68 -3.09
C TYR A 69 21.30 -30.31 -2.65
N PRO A 70 20.40 -29.31 -2.60
CA PRO A 70 18.99 -29.40 -3.00
C PRO A 70 18.71 -29.59 -4.48
N SER A 71 17.67 -30.38 -4.78
CA SER A 71 17.29 -30.62 -6.16
C SER A 71 16.80 -29.34 -6.82
N GLU A 72 16.07 -28.52 -6.07
CA GLU A 72 15.55 -27.25 -6.54
C GLU A 72 16.51 -26.17 -6.05
N VAL A 73 17.09 -25.41 -6.97
CA VAL A 73 17.96 -24.27 -6.68
C VAL A 73 17.37 -23.02 -7.31
N VAL A 74 16.96 -22.09 -6.48
CA VAL A 74 16.34 -20.85 -6.93
C VAL A 74 17.39 -19.80 -7.24
N GLN A 75 17.35 -19.27 -8.47
CA GLN A 75 18.26 -18.24 -8.95
C GLN A 75 17.48 -16.95 -9.15
N ALA A 76 17.95 -15.86 -8.57
CA ALA A 76 17.23 -14.61 -8.75
C ALA A 76 17.80 -13.83 -9.93
N GLN A 77 17.02 -12.88 -10.43
CA GLN A 77 17.47 -12.04 -11.53
C GLN A 77 16.79 -10.68 -11.41
N CYS A 78 17.58 -9.61 -11.35
CA CYS A 78 17.01 -8.28 -11.23
C CYS A 78 16.12 -8.02 -12.43
N ARG A 79 14.92 -7.46 -12.19
CA ARG A 79 14.02 -7.19 -13.29
C ARG A 79 14.48 -6.02 -14.16
N ASN A 80 15.13 -5.03 -13.56
CA ASN A 80 15.56 -3.84 -14.28
C ASN A 80 17.00 -3.48 -13.94
N LEU A 81 17.53 -2.55 -14.73
CA LEU A 81 18.86 -2.01 -14.46
C LEU A 81 18.75 -0.94 -13.39
N GLY A 82 17.78 -0.04 -13.52
CA GLY A 82 17.54 1.01 -12.56
C GLY A 82 16.63 0.53 -11.44
N CYS A 83 16.26 1.47 -10.58
CA CYS A 83 15.37 1.20 -9.46
C CYS A 83 14.00 1.83 -9.71
N ILE A 84 12.97 1.29 -9.05
CA ILE A 84 11.58 1.76 -9.21
C ILE A 84 11.26 2.89 -8.24
N ASN A 85 10.77 4.01 -8.79
CA ASN A 85 10.43 5.18 -7.99
C ASN A 85 9.01 5.09 -7.42
N ALA A 86 8.63 6.10 -6.63
CA ALA A 86 7.32 6.15 -6.00
C ALA A 86 6.17 6.02 -7.00
N GLN A 87 6.37 6.46 -8.24
CA GLN A 87 5.32 6.40 -9.25
C GLN A 87 5.31 5.08 -10.02
N GLY A 88 6.26 4.20 -9.75
CA GLY A 88 6.33 2.93 -10.43
C GLY A 88 7.06 2.95 -11.74
N LYS A 89 7.84 4.00 -12.01
CA LYS A 89 8.60 4.15 -13.24
C LYS A 89 10.07 3.89 -12.95
N GLU A 90 10.81 3.47 -13.98
CA GLU A 90 12.24 3.19 -13.84
C GLU A 90 13.08 4.45 -13.68
N ASP A 91 14.04 4.38 -12.76
CA ASP A 91 14.99 5.45 -12.45
C ASP A 91 16.38 4.96 -12.79
N ILE A 92 16.95 5.46 -13.89
CA ILE A 92 18.26 5.03 -14.38
C ILE A 92 19.41 5.70 -13.66
N SER A 93 19.13 6.61 -12.73
CA SER A 93 20.17 7.24 -11.92
C SER A 93 20.67 6.32 -10.81
N MET A 94 19.99 5.21 -10.56
CA MET A 94 20.34 4.20 -9.58
C MET A 94 20.44 2.86 -10.29
N ASN A 95 21.17 1.92 -9.70
CA ASN A 95 21.33 0.61 -10.34
C ASN A 95 20.84 -0.50 -9.43
N SER A 96 20.10 -1.44 -10.01
CA SER A 96 19.72 -2.66 -9.33
C SER A 96 20.89 -3.62 -9.46
N VAL A 97 21.37 -4.13 -8.33
CA VAL A 97 22.51 -5.05 -8.42
C VAL A 97 22.23 -6.33 -7.65
N PRO A 98 22.62 -7.47 -8.20
CA PRO A 98 22.38 -8.74 -7.52
C PRO A 98 23.31 -8.91 -6.33
N ILE A 99 22.82 -9.66 -5.35
CA ILE A 99 23.64 -10.07 -4.22
C ILE A 99 23.85 -11.55 -4.44
N GLN A 100 25.10 -11.94 -4.63
CA GLN A 100 25.47 -13.31 -4.92
C GLN A 100 26.21 -13.93 -3.75
N GLN A 101 25.92 -15.19 -3.47
CA GLN A 101 26.56 -15.89 -2.38
C GLN A 101 26.95 -17.29 -2.83
N GLU A 102 28.14 -17.71 -2.40
CA GLU A 102 28.62 -19.05 -2.69
C GLU A 102 27.92 -19.99 -1.72
N THR A 103 27.48 -21.13 -2.24
CA THR A 103 26.80 -22.12 -1.41
C THR A 103 27.31 -23.49 -1.79
N LEU A 104 27.04 -24.44 -0.91
CA LEU A 104 27.37 -25.83 -1.17
C LEU A 104 26.12 -26.68 -1.40
N VAL A 105 26.24 -27.56 -2.41
CA VAL A 105 25.27 -28.57 -2.76
C VAL A 105 26.02 -29.90 -2.77
N VAL A 106 25.27 -31.00 -2.78
CA VAL A 106 25.87 -32.32 -2.84
C VAL A 106 25.57 -32.93 -4.19
N ARG A 107 26.61 -33.40 -4.87
CA ARG A 107 26.48 -34.12 -6.13
C ARG A 107 26.51 -35.63 -5.92
N ARG A 108 25.49 -36.30 -6.44
CA ARG A 108 25.43 -37.74 -6.41
C ARG A 108 26.20 -38.30 -7.59
N LYS A 109 27.12 -39.21 -7.33
CA LYS A 109 27.90 -39.79 -8.41
C LYS A 109 27.68 -41.28 -8.41
N HIS A 110 27.80 -41.87 -9.58
CA HIS A 110 27.61 -43.29 -9.75
C HIS A 110 28.75 -43.81 -10.59
N GLN A 111 29.32 -44.90 -10.11
CA GLN A 111 30.45 -45.68 -10.53
C GLN A 111 29.99 -47.03 -10.00
N GLY A 112 28.98 -47.55 -10.70
CA GLY A 112 28.34 -48.81 -10.44
C GLY A 112 27.86 -48.95 -9.01
N CYS A 113 28.35 -49.97 -8.31
CA CYS A 113 27.95 -50.18 -6.92
C CYS A 113 28.58 -49.19 -5.94
N SER A 114 29.72 -48.58 -6.27
CA SER A 114 30.39 -47.65 -5.36
C SER A 114 29.86 -46.21 -5.41
N VAL A 115 28.57 -46.05 -5.13
CA VAL A 115 27.96 -44.72 -5.13
C VAL A 115 28.77 -43.83 -4.22
N SER A 116 29.11 -42.64 -4.70
CA SER A 116 29.85 -41.67 -3.90
C SER A 116 29.26 -40.27 -4.09
N PHE A 117 29.65 -39.37 -3.20
CA PHE A 117 29.15 -38.01 -3.14
C PHE A 117 30.32 -37.06 -3.12
N GLN A 118 30.13 -35.90 -3.75
CA GLN A 118 31.16 -34.89 -3.80
C GLN A 118 30.51 -33.52 -3.66
N LEU A 119 31.17 -32.65 -2.90
CA LEU A 119 30.65 -31.30 -2.71
C LEU A 119 30.89 -30.47 -3.96
N GLU A 120 29.98 -29.52 -4.20
CA GLU A 120 30.10 -28.68 -5.39
C GLU A 120 29.67 -27.27 -5.03
N LYS A 121 30.46 -26.29 -5.48
CA LYS A 121 30.19 -24.89 -5.20
C LYS A 121 29.34 -24.31 -6.33
N VAL A 122 28.22 -23.71 -5.95
CA VAL A 122 27.28 -23.08 -6.87
C VAL A 122 27.12 -21.64 -6.45
N LEU A 123 27.13 -20.73 -7.43
CA LEU A 123 26.91 -19.32 -7.14
C LEU A 123 25.43 -19.02 -7.35
N VAL A 124 24.78 -18.57 -6.28
CA VAL A 124 23.36 -18.29 -6.24
C VAL A 124 23.14 -16.79 -6.08
N THR A 125 22.32 -16.24 -6.97
CA THR A 125 21.86 -14.86 -6.84
C THR A 125 20.60 -14.91 -5.98
N VAL A 126 20.66 -14.28 -4.81
CA VAL A 126 19.57 -14.41 -3.85
C VAL A 126 18.54 -13.30 -3.98
N GLY A 127 18.96 -12.12 -4.41
CA GLY A 127 18.06 -11.01 -4.59
C GLY A 127 18.83 -9.81 -5.11
N CYS A 128 18.17 -8.66 -5.14
CA CYS A 128 18.82 -7.45 -5.64
C CYS A 128 18.66 -6.32 -4.63
N THR A 129 19.56 -5.35 -4.73
CA THR A 129 19.52 -4.15 -3.90
C THR A 129 19.70 -2.94 -4.81
N CYS A 130 19.36 -1.76 -4.30
CA CYS A 130 19.49 -0.53 -5.09
C CYS A 130 20.75 0.19 -4.63
N VAL A 131 21.71 0.40 -5.55
CA VAL A 131 22.95 1.07 -5.23
C VAL A 131 23.12 2.33 -6.08
N THR A 132 23.91 3.25 -5.55
CA THR A 132 24.35 4.43 -6.28
C THR A 132 25.46 4.07 -7.28
N PRO A 133 25.37 4.49 -8.53
CA PRO A 133 26.39 4.14 -9.51
C PRO A 133 27.72 4.82 -9.22
N VAL A 134 28.80 4.20 -9.68
CA VAL A 134 30.13 4.78 -9.51
C VAL A 134 30.28 5.98 -10.45
N ILE A 135 30.68 7.12 -9.88
CA ILE A 135 30.82 8.33 -10.69
C ILE A 135 32.29 8.71 -10.84
N HIS A 136 32.99 8.05 -11.76
CA HIS A 136 34.33 8.50 -12.13
C HIS A 136 34.22 9.81 -12.91
N HIS A 137 35.20 10.69 -12.72
CA HIS A 137 35.15 12.00 -13.34
C HIS A 137 36.55 12.48 -13.65
N VAL A 138 36.63 13.45 -14.56
CA VAL A 138 37.90 14.04 -14.95
C VAL A 138 37.93 15.50 -14.54
N LEU B 1 -5.98 -33.59 13.23
CA LEU B 1 -6.88 -32.62 13.86
C LEU B 1 -6.20 -31.25 13.96
N GLU B 2 -6.96 -30.21 14.30
CA GLU B 2 -6.47 -28.84 14.19
C GLU B 2 -5.26 -28.60 15.09
N ARG B 3 -5.41 -28.82 16.40
CA ARG B 3 -4.32 -28.60 17.33
C ARG B 3 -3.66 -29.93 17.67
N LEU B 4 -2.34 -29.97 17.60
CA LEU B 4 -1.56 -31.15 17.91
C LEU B 4 -0.67 -30.88 19.12
N VAL B 5 -0.33 -31.96 19.83
CA VAL B 5 0.52 -31.86 21.01
C VAL B 5 1.94 -31.52 20.57
N GLY B 6 2.91 -31.63 21.50
CA GLY B 6 4.28 -31.24 21.28
C GLY B 6 4.86 -31.68 19.96
N PRO B 7 5.88 -30.96 19.47
CA PRO B 7 6.30 -31.10 18.07
C PRO B 7 6.96 -32.41 17.73
N GLN B 8 6.45 -33.53 18.24
CA GLN B 8 6.91 -34.85 17.80
C GLN B 8 6.28 -35.16 16.44
N ASP B 9 7.13 -35.33 15.42
CA ASP B 9 6.64 -35.74 14.13
C ASP B 9 5.95 -37.09 14.23
N ALA B 10 4.96 -37.30 13.36
CA ALA B 10 4.13 -38.49 13.45
C ALA B 10 3.76 -38.96 12.05
N THR B 11 3.68 -40.28 11.90
CA THR B 11 3.22 -40.89 10.65
C THR B 11 2.25 -42.01 10.98
N HIS B 12 1.05 -41.93 10.43
CA HIS B 12 0.09 -43.02 10.52
C HIS B 12 -0.37 -43.39 9.12
N CYS B 13 -1.15 -44.46 8.99
CA CYS B 13 -1.45 -44.95 7.66
C CYS B 13 -2.61 -45.95 7.72
N SER B 14 -2.92 -46.51 6.54
CA SER B 14 -4.10 -47.31 6.25
C SER B 14 -4.13 -48.60 7.06
N PRO B 15 -5.27 -49.28 7.11
CA PRO B 15 -5.33 -50.57 7.82
C PRO B 15 -4.39 -51.60 7.20
N GLY B 16 -3.56 -52.19 8.04
CA GLY B 16 -2.69 -53.28 7.64
C GLY B 16 -1.37 -52.87 7.04
N LEU B 17 -1.02 -51.59 7.05
CA LEU B 17 0.20 -51.09 6.44
C LEU B 17 1.19 -50.70 7.53
N SER B 18 2.46 -51.04 7.33
CA SER B 18 3.50 -50.75 8.31
C SER B 18 4.25 -49.48 7.91
N CYS B 19 4.41 -48.55 8.84
CA CYS B 19 4.89 -47.21 8.52
C CYS B 19 5.83 -46.73 9.61
N ARG B 20 7.08 -46.47 9.25
CA ARG B 20 8.10 -45.99 10.18
C ARG B 20 8.69 -44.69 9.67
N LEU B 21 8.96 -43.78 10.60
CA LEU B 21 9.53 -42.47 10.29
C LEU B 21 11.04 -42.50 10.46
N TRP B 22 11.74 -41.81 9.56
CA TRP B 22 13.20 -41.70 9.59
C TRP B 22 13.68 -40.25 9.62
N ASP B 23 12.76 -39.29 9.72
CA ASP B 23 13.10 -37.88 9.52
C ASP B 23 14.17 -37.38 10.49
N SER B 24 15.37 -37.20 9.97
CA SER B 24 16.40 -36.38 10.60
C SER B 24 16.68 -35.15 9.74
N ASP B 25 15.62 -34.58 9.15
CA ASP B 25 15.74 -33.57 8.10
C ASP B 25 16.59 -34.11 6.95
N ILE B 26 16.27 -35.34 6.54
CA ILE B 26 17.20 -36.19 5.79
C ILE B 26 17.56 -35.59 4.43
N LEU B 27 18.66 -36.11 3.87
CA LEU B 27 19.13 -35.72 2.54
C LEU B 27 18.32 -36.49 1.51
N CYS B 28 17.54 -35.78 0.71
CA CYS B 28 16.62 -36.37 -0.25
C CYS B 28 17.12 -36.15 -1.67
N LEU B 29 17.24 -37.23 -2.43
CA LEU B 29 17.65 -37.17 -3.82
C LEU B 29 16.76 -38.06 -4.69
N PRO B 30 15.97 -37.47 -5.59
CA PRO B 30 15.15 -38.32 -6.47
C PRO B 30 15.97 -39.10 -7.49
N GLY B 31 16.99 -38.48 -8.07
CA GLY B 31 17.84 -39.16 -9.03
C GLY B 31 17.12 -39.51 -10.31
N ASP B 32 17.78 -40.38 -11.08
CA ASP B 32 17.24 -40.82 -12.35
C ASP B 32 16.15 -41.86 -12.16
N ILE B 33 15.34 -42.03 -13.20
CA ILE B 33 14.30 -43.04 -13.23
C ILE B 33 14.92 -44.36 -13.69
N VAL B 34 14.80 -45.38 -12.84
CA VAL B 34 15.30 -46.71 -13.17
C VAL B 34 14.11 -47.59 -13.57
N PRO B 35 14.32 -48.63 -14.39
CA PRO B 35 13.20 -49.52 -14.72
C PRO B 35 12.76 -50.34 -13.52
N ALA B 36 11.53 -50.83 -13.59
CA ALA B 36 10.94 -51.57 -12.48
C ALA B 36 11.23 -53.04 -12.65
N PRO B 37 11.97 -53.67 -11.73
CA PRO B 37 12.18 -55.13 -11.77
C PRO B 37 11.06 -55.88 -11.07
N GLY B 38 9.92 -55.97 -11.75
CA GLY B 38 8.73 -56.54 -11.17
C GLY B 38 7.82 -55.47 -10.61
N PRO B 39 6.99 -55.83 -9.64
CA PRO B 39 6.06 -54.84 -9.06
C PRO B 39 6.77 -53.91 -8.10
N VAL B 40 6.39 -52.63 -8.15
CA VAL B 40 6.93 -51.62 -7.27
C VAL B 40 5.76 -50.86 -6.65
N LEU B 41 6.04 -50.25 -5.50
CA LEU B 41 5.11 -49.30 -4.91
C LEU B 41 5.31 -47.94 -5.56
N ALA B 42 4.21 -47.28 -5.90
CA ALA B 42 4.25 -46.01 -6.61
C ALA B 42 3.19 -45.07 -6.07
N PRO B 43 3.54 -43.81 -5.80
CA PRO B 43 2.55 -42.87 -5.28
C PRO B 43 1.62 -42.40 -6.41
N THR B 44 0.32 -42.40 -6.13
CA THR B 44 -0.66 -42.04 -7.14
C THR B 44 -0.94 -40.54 -7.18
N HIS B 45 -1.30 -39.95 -6.05
CA HIS B 45 -1.48 -38.50 -5.98
C HIS B 45 -1.30 -38.02 -4.55
N LEU B 46 -1.15 -36.70 -4.42
CA LEU B 46 -0.85 -36.04 -3.15
C LEU B 46 -2.05 -35.22 -2.67
N GLN B 47 -2.13 -35.05 -1.35
CA GLN B 47 -3.16 -34.23 -0.73
C GLN B 47 -2.61 -33.59 0.54
N THR B 48 -3.17 -32.44 0.90
CA THR B 48 -2.70 -31.67 2.05
C THR B 48 -3.87 -31.23 2.91
N GLU B 49 -3.63 -31.20 4.22
CA GLU B 49 -4.57 -30.65 5.19
C GLU B 49 -3.83 -29.69 6.10
N LEU B 50 -4.48 -28.59 6.47
CA LEU B 50 -3.85 -27.57 7.31
C LEU B 50 -4.08 -27.88 8.78
N VAL B 51 -3.01 -27.82 9.56
CA VAL B 51 -2.97 -28.21 10.97
C VAL B 51 -2.30 -27.08 11.75
N LEU B 52 -2.28 -27.22 13.07
CA LEU B 52 -1.58 -26.29 13.96
C LEU B 52 -0.66 -27.10 14.87
N ARG B 53 0.60 -26.67 14.97
CA ARG B 53 1.56 -27.30 15.85
C ARG B 53 1.91 -26.32 16.97
N CYS B 54 1.48 -26.64 18.19
CA CYS B 54 1.81 -25.85 19.37
C CYS B 54 2.79 -26.65 20.24
N GLN B 55 3.94 -26.05 20.52
CA GLN B 55 4.94 -26.59 21.44
C GLN B 55 4.73 -26.12 22.87
N LYS B 56 4.40 -24.84 23.05
CA LYS B 56 3.71 -24.34 24.22
C LYS B 56 2.42 -23.71 23.74
N GLU B 57 1.45 -23.52 24.65
CA GLU B 57 0.19 -22.91 24.25
C GLU B 57 0.40 -21.54 23.62
N THR B 58 1.51 -20.86 23.93
CA THR B 58 1.81 -19.57 23.33
C THR B 58 2.32 -19.73 21.90
N ASP B 59 3.40 -20.49 21.72
CA ASP B 59 4.07 -20.62 20.42
C ASP B 59 3.39 -21.71 19.60
N CYS B 60 2.66 -21.29 18.57
CA CYS B 60 2.01 -22.21 17.64
C CYS B 60 2.39 -21.83 16.22
N ASP B 61 2.87 -22.81 15.45
CA ASP B 61 3.19 -22.63 14.05
C ASP B 61 2.04 -23.15 13.19
N LEU B 62 1.89 -22.53 12.02
CA LEU B 62 1.07 -23.13 10.97
C LEU B 62 1.78 -24.39 10.47
N CYS B 63 1.11 -25.53 10.57
CA CYS B 63 1.70 -26.81 10.20
C CYS B 63 0.86 -27.46 9.11
N LEU B 64 1.52 -28.08 8.14
CA LEU B 64 0.85 -28.64 6.96
C LEU B 64 0.96 -30.15 7.00
N ARG B 65 -0.18 -30.82 7.15
CA ARG B 65 -0.23 -32.27 7.10
C ARG B 65 -0.17 -32.74 5.65
N VAL B 66 0.71 -33.68 5.38
CA VAL B 66 0.87 -34.21 4.03
C VAL B 66 0.41 -35.66 4.04
N ALA B 67 -0.13 -36.10 2.91
CA ALA B 67 -0.58 -37.47 2.74
C ALA B 67 -0.34 -37.89 1.31
N VAL B 68 -0.11 -39.20 1.12
CA VAL B 68 0.12 -39.72 -0.22
C VAL B 68 -0.54 -41.08 -0.34
N HIS B 69 -1.28 -41.27 -1.43
CA HIS B 69 -1.88 -42.56 -1.76
C HIS B 69 -0.88 -43.41 -2.52
N LEU B 70 -0.95 -44.72 -2.30
CA LEU B 70 -0.03 -45.65 -2.93
C LEU B 70 -0.79 -46.68 -3.76
N ALA B 71 -0.19 -47.08 -4.87
CA ALA B 71 -0.65 -48.16 -5.71
C ALA B 71 0.53 -49.05 -6.07
N VAL B 72 0.24 -50.17 -6.72
CA VAL B 72 1.27 -51.12 -7.15
C VAL B 72 1.39 -51.02 -8.66
N HIS B 73 2.52 -50.49 -9.13
CA HIS B 73 2.78 -50.36 -10.56
C HIS B 73 4.01 -51.18 -10.95
N GLY B 74 4.57 -50.89 -12.12
CA GLY B 74 5.74 -51.60 -12.59
C GLY B 74 5.40 -52.81 -13.42
N HIS B 75 6.32 -53.78 -13.43
CA HIS B 75 6.08 -55.03 -14.12
C HIS B 75 5.24 -55.95 -13.25
N TRP B 76 4.66 -56.98 -13.89
CA TRP B 76 3.84 -57.95 -13.20
C TRP B 76 4.51 -59.31 -13.27
N GLU B 77 4.61 -59.98 -12.13
CA GLU B 77 5.26 -61.29 -12.04
C GLU B 77 4.41 -62.28 -11.27
N ALA B 99 6.49 -62.39 0.36
CA ALA B 99 5.72 -62.11 -0.85
C ALA B 99 5.06 -60.73 -0.80
N SER B 100 5.26 -60.02 0.31
CA SER B 100 4.70 -58.70 0.55
C SER B 100 5.66 -57.62 0.06
N LEU B 101 5.10 -56.47 -0.33
CA LEU B 101 5.89 -55.41 -0.95
C LEU B 101 6.32 -54.36 0.07
N GLN B 102 7.34 -53.59 -0.31
CA GLN B 102 7.86 -52.53 0.53
C GLN B 102 8.35 -51.40 -0.33
N ALA B 103 8.56 -50.25 0.30
CA ALA B 103 9.22 -49.12 -0.36
C ALA B 103 9.54 -48.08 0.71
N GLN B 104 10.32 -47.09 0.30
CA GLN B 104 10.58 -45.92 1.12
C GLN B 104 10.30 -44.69 0.27
N VAL B 105 9.52 -43.77 0.82
CA VAL B 105 9.02 -42.60 0.11
C VAL B 105 9.53 -41.35 0.81
N VAL B 106 9.91 -40.37 0.00
CA VAL B 106 10.43 -39.11 0.50
C VAL B 106 9.39 -38.04 0.21
N LEU B 107 9.11 -37.23 1.23
CA LEU B 107 8.34 -36.00 1.12
C LEU B 107 9.32 -34.84 1.29
N SER B 108 9.50 -34.08 0.22
CA SER B 108 10.28 -32.87 0.23
C SER B 108 9.35 -31.69 0.38
N PHE B 109 9.74 -30.73 1.23
CA PHE B 109 8.92 -29.57 1.51
C PHE B 109 9.79 -28.33 1.32
N GLN B 110 9.55 -27.60 0.23
CA GLN B 110 10.25 -26.36 -0.07
C GLN B 110 9.30 -25.19 0.16
N ALA B 111 9.72 -24.21 0.95
CA ALA B 111 8.92 -23.01 1.15
C ALA B 111 9.92 -21.88 1.41
N TYR B 112 10.24 -21.14 0.34
CA TYR B 112 11.32 -20.18 0.40
C TYR B 112 11.19 -19.28 1.64
N PRO B 113 12.25 -19.13 2.44
CA PRO B 113 13.59 -19.62 2.11
C PRO B 113 13.93 -21.06 2.54
N THR B 114 13.14 -21.67 3.40
CA THR B 114 13.52 -22.92 4.06
C THR B 114 13.07 -24.15 3.26
N ALA B 115 13.57 -25.29 3.69
CA ALA B 115 13.24 -26.58 3.09
C ALA B 115 13.54 -27.68 4.11
N ARG B 116 12.75 -28.74 4.05
CA ARG B 116 12.93 -29.88 4.95
C ARG B 116 12.43 -31.15 4.26
N CYS B 117 13.13 -32.25 4.48
CA CYS B 117 12.80 -33.52 3.85
C CYS B 117 12.50 -34.58 4.90
N VAL B 118 11.63 -35.51 4.55
CA VAL B 118 11.19 -36.57 5.45
C VAL B 118 11.15 -37.89 4.70
N LEU B 119 11.68 -38.95 5.33
CA LEU B 119 11.74 -40.28 4.75
C LEU B 119 10.84 -41.22 5.53
N LEU B 120 9.98 -41.94 4.82
CA LEU B 120 9.04 -42.89 5.41
C LEU B 120 9.30 -44.28 4.84
N GLU B 121 9.31 -45.29 5.70
CA GLU B 121 9.37 -46.69 5.30
C GLU B 121 7.97 -47.29 5.39
N VAL B 122 7.53 -47.93 4.30
CA VAL B 122 6.19 -48.48 4.24
C VAL B 122 6.26 -49.92 3.74
N GLN B 123 5.64 -50.82 4.49
CA GLN B 123 5.41 -52.20 4.07
C GLN B 123 3.92 -52.41 3.82
N VAL B 124 3.61 -53.13 2.74
CA VAL B 124 2.23 -53.50 2.42
C VAL B 124 2.17 -55.02 2.27
N PRO B 125 1.22 -55.68 2.93
CA PRO B 125 1.19 -57.14 2.91
C PRO B 125 0.85 -57.71 1.53
N ALA B 126 1.17 -58.99 1.35
CA ALA B 126 1.00 -59.61 0.04
C ALA B 126 -0.47 -59.84 -0.30
N ALA B 127 -1.37 -59.76 0.68
CA ALA B 127 -2.79 -59.97 0.45
C ALA B 127 -3.50 -58.72 -0.05
N LEU B 128 -2.96 -57.54 0.21
CA LEU B 128 -3.46 -56.30 -0.36
C LEU B 128 -2.80 -55.96 -1.68
N VAL B 129 -1.89 -56.81 -2.17
CA VAL B 129 -1.15 -56.57 -3.40
C VAL B 129 -2.06 -56.91 -4.57
N GLN B 130 -2.64 -55.89 -5.20
CA GLN B 130 -3.48 -56.03 -6.38
C GLN B 130 -2.92 -55.12 -7.45
N PHE B 131 -2.39 -55.70 -8.53
CA PHE B 131 -1.82 -54.92 -9.60
C PHE B 131 -2.90 -54.12 -10.32
N GLY B 132 -2.88 -52.80 -10.16
CA GLY B 132 -3.86 -51.94 -10.80
C GLY B 132 -4.92 -51.35 -9.90
N GLN B 133 -4.72 -51.40 -8.58
CA GLN B 133 -5.65 -50.81 -7.63
C GLN B 133 -4.85 -49.98 -6.64
N SER B 134 -5.56 -49.26 -5.78
CA SER B 134 -4.93 -48.51 -4.71
C SER B 134 -4.82 -49.40 -3.48
N VAL B 135 -3.64 -49.38 -2.85
CA VAL B 135 -3.33 -50.30 -1.74
C VAL B 135 -3.35 -49.61 -0.40
N GLY B 136 -3.53 -48.30 -0.35
CA GLY B 136 -3.62 -47.59 0.91
C GLY B 136 -3.05 -46.20 0.79
N SER B 137 -2.84 -45.56 1.93
CA SER B 137 -2.32 -44.21 1.97
C SER B 137 -1.57 -44.02 3.28
N VAL B 138 -0.66 -43.04 3.29
CA VAL B 138 0.13 -42.73 4.48
C VAL B 138 0.14 -41.23 4.73
N VAL B 139 0.06 -40.84 6.01
CA VAL B 139 -0.12 -39.46 6.43
C VAL B 139 1.01 -39.08 7.38
N TYR B 140 1.66 -37.95 7.10
CA TYR B 140 2.69 -37.36 7.94
C TYR B 140 2.22 -36.02 8.49
N ASP B 141 2.40 -35.83 9.80
CA ASP B 141 2.26 -34.54 10.46
C ASP B 141 3.62 -34.16 11.03
N CYS B 142 4.16 -33.00 10.66
CA CYS B 142 3.65 -32.06 9.66
C CYS B 142 4.81 -31.13 9.28
N PHE B 143 4.60 -30.24 8.32
CA PHE B 143 5.61 -29.27 7.90
C PHE B 143 5.22 -27.89 8.42
N GLU B 144 6.02 -27.35 9.34
CA GLU B 144 5.74 -26.01 9.82
C GLU B 144 6.12 -24.98 8.76
N ALA B 145 5.31 -23.92 8.64
CA ALA B 145 5.61 -22.86 7.69
C ALA B 145 4.98 -21.57 8.17
N ALA B 146 5.55 -20.44 7.76
CA ALA B 146 5.04 -19.14 8.17
C ALA B 146 3.71 -18.85 7.51
N LEU B 147 3.10 -17.73 7.91
CA LEU B 147 1.80 -17.36 7.39
C LEU B 147 1.89 -16.90 5.94
N GLY B 148 0.89 -17.28 5.15
CA GLY B 148 0.76 -16.81 3.79
C GLY B 148 1.93 -17.16 2.89
N SER B 149 2.63 -18.23 3.21
CA SER B 149 3.81 -18.63 2.43
C SER B 149 3.45 -19.71 1.44
N GLU B 150 3.91 -19.55 0.21
CA GLU B 150 3.70 -20.55 -0.82
C GLU B 150 4.62 -21.74 -0.58
N VAL B 151 4.07 -22.94 -0.73
CA VAL B 151 4.77 -24.18 -0.38
C VAL B 151 4.73 -25.13 -1.56
N ARG B 152 5.89 -25.48 -2.08
CA ARG B 152 6.04 -26.59 -3.01
C ARG B 152 6.27 -27.86 -2.20
N ILE B 153 5.56 -28.93 -2.54
CA ILE B 153 5.74 -30.22 -1.90
C ILE B 153 5.97 -31.26 -2.97
N TRP B 154 7.08 -31.98 -2.86
CA TRP B 154 7.41 -33.08 -3.76
C TRP B 154 7.33 -34.39 -3.01
N SER B 155 7.01 -35.46 -3.75
CA SER B 155 7.00 -36.81 -3.19
C SER B 155 7.51 -37.77 -4.24
N TYR B 156 8.34 -38.73 -3.79
CA TYR B 156 8.87 -39.74 -4.71
C TYR B 156 9.41 -40.94 -3.94
N THR B 157 9.35 -42.10 -4.58
CA THR B 157 9.98 -43.28 -3.99
C THR B 157 11.48 -43.23 -4.21
N GLN B 158 12.21 -43.87 -3.30
CA GLN B 158 13.62 -44.16 -3.52
C GLN B 158 13.82 -45.67 -3.55
N PRO B 159 14.24 -46.25 -4.67
CA PRO B 159 14.53 -45.57 -5.94
C PRO B 159 13.29 -45.07 -6.68
N ARG B 160 13.49 -44.15 -7.61
CA ARG B 160 12.40 -43.52 -8.35
C ARG B 160 12.12 -44.32 -9.61
N TYR B 161 10.88 -44.83 -9.72
CA TYR B 161 10.47 -45.61 -10.88
C TYR B 161 9.57 -44.84 -11.84
N GLU B 162 8.90 -43.80 -11.37
CA GLU B 162 8.02 -42.99 -12.20
C GLU B 162 8.37 -41.51 -12.06
N LYS B 163 7.53 -40.63 -12.62
CA LYS B 163 7.76 -39.20 -12.49
C LYS B 163 7.53 -38.76 -11.05
N GLU B 164 8.07 -37.59 -10.72
CA GLU B 164 7.91 -37.06 -9.37
C GLU B 164 6.50 -36.52 -9.19
N LEU B 165 6.10 -36.40 -7.92
CA LEU B 165 4.82 -35.77 -7.56
C LEU B 165 5.09 -34.37 -7.03
N GLN B 166 4.56 -33.35 -7.71
CA GLN B 166 4.69 -31.96 -7.28
C GLN B 166 3.31 -31.36 -7.02
N HIS B 167 3.20 -30.65 -5.90
CA HIS B 167 2.01 -29.86 -5.58
C HIS B 167 2.45 -28.48 -5.11
N THR B 168 1.75 -27.46 -5.57
CA THR B 168 2.01 -26.08 -5.20
C THR B 168 0.78 -25.53 -4.50
N GLN B 169 0.93 -25.16 -3.23
CA GLN B 169 -0.16 -24.69 -2.40
C GLN B 169 0.15 -23.28 -1.91
N GLN B 170 -0.78 -22.75 -1.11
CA GLN B 170 -0.68 -21.39 -0.60
C GLN B 170 -1.35 -21.33 0.76
N LEU B 171 -0.67 -20.80 1.71
CA LEU B 171 -1.21 -20.80 3.07
C LEU B 171 -1.97 -19.50 3.34
N PRO B 172 -2.95 -19.51 4.25
CA PRO B 172 -3.78 -18.32 4.44
C PRO B 172 -3.06 -17.24 5.23
N ASP B 173 -3.49 -16.00 5.00
CA ASP B 173 -2.98 -14.84 5.73
C ASP B 173 -3.33 -14.91 7.20
N CYS B 174 -2.84 -13.96 8.00
CA CYS B 174 -3.35 -13.88 9.36
C CYS B 174 -4.85 -13.63 9.36
N ARG B 175 -5.34 -12.86 8.40
CA ARG B 175 -6.78 -12.77 8.21
C ARG B 175 -7.28 -14.08 7.64
N GLY B 176 -8.42 -14.55 8.15
CA GLY B 176 -8.88 -15.89 7.84
C GLY B 176 -9.20 -16.63 9.13
N LEU B 177 -10.47 -17.02 9.28
CA LEU B 177 -11.00 -17.45 10.58
C LEU B 177 -10.11 -18.48 11.24
N GLU B 178 -9.74 -19.53 10.50
CA GLU B 178 -8.87 -20.58 10.98
C GLU B 178 -7.63 -20.03 11.68
N VAL B 179 -6.84 -19.25 10.94
CA VAL B 179 -5.59 -18.65 11.41
C VAL B 179 -5.83 -17.84 12.69
N TRP B 180 -6.47 -16.68 12.55
CA TRP B 180 -6.52 -15.74 13.67
C TRP B 180 -7.30 -16.29 14.88
N ASN B 181 -8.19 -17.26 14.69
CA ASN B 181 -8.87 -17.84 15.86
C ASN B 181 -7.99 -18.86 16.56
N SER B 182 -7.39 -19.79 15.81
CA SER B 182 -6.60 -20.83 16.47
C SER B 182 -5.17 -20.38 16.79
N ILE B 183 -4.71 -19.26 16.24
CA ILE B 183 -3.36 -18.76 16.48
C ILE B 183 -3.45 -17.58 17.44
N PRO B 184 -2.63 -17.53 18.49
CA PRO B 184 -2.61 -16.35 19.36
C PRO B 184 -1.66 -15.27 18.86
N SER B 185 -0.69 -15.67 18.04
CA SER B 185 0.36 -14.79 17.53
C SER B 185 -0.16 -13.70 16.59
N CYS B 186 -1.43 -13.75 16.22
CA CYS B 186 -2.01 -12.80 15.28
C CYS B 186 -2.41 -11.48 15.93
N TRP B 187 -2.20 -11.32 17.24
CA TRP B 187 -2.72 -10.16 17.97
C TRP B 187 -1.55 -9.43 18.64
N ALA B 188 -0.86 -8.62 17.83
CA ALA B 188 0.07 -7.62 18.32
C ALA B 188 -0.39 -6.22 17.91
N LEU B 189 -1.69 -6.05 17.68
CA LEU B 189 -2.22 -4.82 17.14
C LEU B 189 -1.98 -3.66 18.10
N PRO B 190 -1.37 -2.57 17.65
CA PRO B 190 -1.37 -1.35 18.46
C PRO B 190 -2.75 -0.74 18.55
N TRP B 191 -3.60 -1.25 19.45
CA TRP B 191 -4.99 -0.86 19.48
C TRP B 191 -5.14 0.64 19.75
N LEU B 192 -5.96 1.30 18.94
CA LEU B 192 -6.15 2.74 19.01
C LEU B 192 -7.57 3.08 19.46
N GLN B 193 -7.68 4.05 20.37
CA GLN B 193 -8.95 4.59 20.81
C GLN B 193 -8.87 6.11 20.79
N VAL B 194 -10.02 6.76 20.63
CA VAL B 194 -10.10 8.21 20.54
C VAL B 194 -11.00 8.73 21.65
N SER B 195 -10.61 9.86 22.24
CA SER B 195 -11.34 10.48 23.36
C SER B 195 -11.30 11.99 23.18
N ALA B 196 -12.35 12.54 22.54
CA ALA B 196 -12.48 13.97 22.33
C ALA B 196 -13.28 14.66 23.44
N ASP B 197 -13.24 14.12 24.66
CA ASP B 197 -14.09 14.60 25.74
C ASP B 197 -13.47 15.74 26.54
N GLY B 198 -12.14 15.79 26.63
CA GLY B 198 -11.51 16.84 27.40
C GLY B 198 -11.31 18.13 26.64
N ASP B 199 -12.31 18.52 25.85
CA ASP B 199 -12.27 19.72 25.01
C ASP B 199 -11.18 19.64 23.94
N ASN B 200 -10.22 18.74 24.12
CA ASN B 200 -9.25 18.37 23.10
C ASN B 200 -9.50 16.92 22.69
N VAL B 201 -8.61 16.41 21.84
CA VAL B 201 -8.70 15.05 21.33
C VAL B 201 -7.52 14.25 21.87
N HIS B 202 -7.80 13.03 22.30
CA HIS B 202 -6.80 12.13 22.87
C HIS B 202 -6.76 10.83 22.08
N LEU B 203 -5.56 10.29 21.90
CA LEU B 203 -5.35 9.01 21.24
C LEU B 203 -4.71 8.06 22.23
N VAL B 204 -5.41 6.97 22.54
CA VAL B 204 -4.99 5.98 23.53
C VAL B 204 -4.50 4.75 22.78
N LEU B 205 -3.36 4.21 23.20
CA LEU B 205 -2.71 3.08 22.51
C LEU B 205 -2.56 1.91 23.48
N GLN B 206 -3.65 1.17 23.71
CA GLN B 206 -3.64 0.05 24.64
C GLN B 206 -2.82 -1.09 24.05
N VAL B 207 -1.51 -1.00 24.24
CA VAL B 207 -0.60 -2.06 23.83
C VAL B 207 -0.02 -2.69 25.09
N SER B 208 0.98 -3.55 24.93
CA SER B 208 1.70 -4.09 26.07
C SER B 208 2.74 -3.08 26.56
N GLU B 209 3.12 -3.23 27.83
CA GLU B 209 4.08 -2.30 28.43
C GLU B 209 5.43 -2.33 27.74
N GLU B 210 5.83 -3.49 27.22
CA GLU B 210 7.14 -3.67 26.61
C GLU B 210 7.13 -3.44 25.12
N GLN B 211 6.08 -2.82 24.58
CA GLN B 211 5.92 -2.70 23.14
C GLN B 211 6.71 -1.51 22.63
N HIS B 212 7.74 -1.78 21.81
CA HIS B 212 8.43 -0.74 21.07
C HIS B 212 7.73 -0.55 19.74
N PHE B 213 7.45 0.71 19.39
CA PHE B 213 6.77 0.97 18.12
C PHE B 213 7.02 2.40 17.66
N GLY B 214 6.80 2.61 16.37
CA GLY B 214 6.88 3.92 15.77
C GLY B 214 5.52 4.41 15.31
N LEU B 215 5.31 5.73 15.44
CA LEU B 215 4.04 6.38 15.21
C LEU B 215 4.22 7.63 14.35
N SER B 216 3.31 7.79 13.38
CA SER B 216 3.35 8.89 12.42
C SER B 216 1.97 9.53 12.31
N LEU B 217 1.93 10.85 12.36
CA LEU B 217 0.74 11.63 12.05
C LEU B 217 0.99 12.40 10.77
N TYR B 218 0.16 12.16 9.76
CA TYR B 218 0.35 12.83 8.48
C TYR B 218 -0.95 13.45 8.01
N TRP B 219 -0.82 14.40 7.10
CA TRP B 219 -1.95 15.01 6.42
C TRP B 219 -2.12 14.34 5.07
N ASN B 220 -3.19 13.55 4.93
CA ASN B 220 -3.37 12.66 3.78
C ASN B 220 -3.87 13.46 2.59
N GLN B 221 -2.93 14.05 1.85
CA GLN B 221 -3.28 14.70 0.60
C GLN B 221 -3.70 13.65 -0.44
N VAL B 222 -4.43 14.12 -1.45
CA VAL B 222 -4.90 13.24 -2.51
C VAL B 222 -3.77 12.99 -3.51
N GLN B 223 -3.54 13.96 -4.39
CA GLN B 223 -2.49 13.87 -5.39
C GLN B 223 -1.21 14.49 -4.83
N GLY B 224 -0.14 13.71 -4.77
CA GLY B 224 1.03 14.07 -4.01
C GLY B 224 0.77 13.95 -2.51
N PRO B 225 0.58 12.71 -2.03
CA PRO B 225 0.15 12.49 -0.64
C PRO B 225 1.11 13.04 0.41
N PRO B 226 2.46 12.94 0.22
CA PRO B 226 3.37 13.31 1.32
C PRO B 226 3.09 14.64 1.98
N LYS B 227 2.71 14.60 3.26
CA LYS B 227 2.64 15.80 4.10
C LYS B 227 2.83 15.38 5.55
N PRO B 228 4.08 15.04 5.92
CA PRO B 228 4.34 14.63 7.30
C PRO B 228 4.04 15.75 8.29
N ARG B 229 3.64 15.34 9.49
CA ARG B 229 3.29 16.31 10.51
C ARG B 229 3.94 15.93 11.84
N TRP B 230 4.04 14.65 12.14
CA TRP B 230 4.65 14.23 13.39
C TRP B 230 5.22 12.82 13.25
N HIS B 231 6.42 12.62 13.81
CA HIS B 231 7.10 11.32 13.81
C HIS B 231 7.69 11.06 15.19
N LYS B 232 7.48 9.86 15.73
CA LYS B 232 8.08 9.53 17.01
C LYS B 232 8.31 8.03 17.17
N ASN B 233 9.49 7.70 17.71
CA ASN B 233 9.78 6.38 18.26
C ASN B 233 9.32 6.34 19.71
N LEU B 234 8.61 5.29 20.11
CA LEU B 234 7.98 5.23 21.42
C LEU B 234 8.02 3.80 21.95
N THR B 235 7.75 3.68 23.25
CA THR B 235 7.59 2.41 23.95
C THR B 235 6.33 2.56 24.79
N GLY B 236 5.19 2.18 24.21
CA GLY B 236 3.91 2.42 24.82
C GLY B 236 3.58 1.45 25.95
N PRO B 237 2.31 1.46 26.40
CA PRO B 237 1.17 2.26 25.92
C PRO B 237 1.31 3.76 26.16
N GLN B 238 0.52 4.58 25.47
CA GLN B 238 0.68 6.02 25.55
C GLN B 238 -0.63 6.70 25.14
N ILE B 239 -0.77 7.96 25.56
CA ILE B 239 -1.89 8.81 25.20
C ILE B 239 -1.34 10.10 24.62
N ILE B 240 -1.68 10.38 23.35
CA ILE B 240 -1.19 11.55 22.63
C ILE B 240 -2.30 12.60 22.55
N THR B 241 -1.94 13.85 22.83
CA THR B 241 -2.87 14.96 22.77
C THR B 241 -2.71 15.71 21.45
N LEU B 242 -3.81 16.19 20.91
CA LEU B 242 -3.82 16.86 19.61
C LEU B 242 -3.95 18.37 19.78
N GLN B 243 -3.16 19.10 19.01
CA GLN B 243 -3.24 20.56 19.00
C GLN B 243 -4.40 21.01 18.12
N HIS B 244 -4.91 22.20 18.40
CA HIS B 244 -6.04 22.72 17.63
C HIS B 244 -5.68 22.98 16.18
N THR B 245 -4.38 23.01 15.85
CA THR B 245 -3.91 23.25 14.49
C THR B 245 -3.83 21.99 13.64
N ASP B 246 -4.03 20.81 14.23
CA ASP B 246 -3.92 19.55 13.50
C ASP B 246 -5.26 18.97 13.09
N LEU B 247 -6.34 19.26 13.82
CA LEU B 247 -7.63 18.64 13.55
C LEU B 247 -8.17 19.05 12.19
N VAL B 248 -7.74 18.33 11.16
CA VAL B 248 -8.20 18.55 9.79
C VAL B 248 -8.73 17.21 9.27
N PRO B 249 -9.59 17.24 8.26
CA PRO B 249 -10.21 15.98 7.80
C PRO B 249 -9.23 14.90 7.39
N CYS B 250 -8.24 15.24 6.56
CA CYS B 250 -7.29 14.27 6.05
C CYS B 250 -6.18 13.93 7.04
N LEU B 251 -6.32 14.31 8.31
CA LEU B 251 -5.34 13.95 9.32
C LEU B 251 -5.45 12.46 9.61
N CYS B 252 -4.41 11.71 9.30
CA CYS B 252 -4.43 10.26 9.44
C CYS B 252 -3.24 9.80 10.26
N ILE B 253 -3.41 8.61 10.85
CA ILE B 253 -2.49 8.00 11.79
C ILE B 253 -1.91 6.74 11.15
N GLN B 254 -0.62 6.50 11.40
CA GLN B 254 0.09 5.33 10.89
C GLN B 254 0.95 4.77 12.02
N VAL B 255 0.82 3.47 12.27
CA VAL B 255 1.50 2.85 13.41
C VAL B 255 2.14 1.54 12.99
N TRP B 256 3.26 1.21 13.65
CA TRP B 256 3.87 -0.09 13.40
C TRP B 256 4.88 -0.40 14.49
N PRO B 257 5.02 -1.65 14.88
CA PRO B 257 6.05 -2.01 15.86
C PRO B 257 7.45 -1.87 15.27
N LEU B 258 8.42 -1.55 16.13
CA LEU B 258 9.80 -1.35 15.71
C LEU B 258 10.49 -2.70 15.53
N GLU B 259 10.07 -3.39 14.49
CA GLU B 259 10.60 -4.70 14.10
C GLU B 259 10.89 -4.66 12.61
N PRO B 260 11.79 -5.51 12.13
CA PRO B 260 12.09 -5.54 10.68
C PRO B 260 10.86 -5.91 9.88
N ASP B 261 10.50 -5.01 8.96
CA ASP B 261 9.36 -5.19 8.05
C ASP B 261 8.05 -5.41 8.81
N SER B 262 7.84 -4.62 9.86
CA SER B 262 6.56 -4.67 10.54
C SER B 262 5.47 -4.13 9.63
N VAL B 263 4.22 -4.46 9.97
CA VAL B 263 3.06 -4.05 9.20
C VAL B 263 2.48 -2.79 9.81
N ARG B 264 2.17 -1.81 8.97
CA ARG B 264 1.73 -0.49 9.40
C ARG B 264 0.23 -0.36 9.21
N THR B 265 -0.43 0.20 10.23
CA THR B 265 -1.87 0.43 10.22
C THR B 265 -2.13 1.89 9.91
N ASN B 266 -3.07 2.13 8.98
CA ASN B 266 -3.48 3.46 8.51
C ASN B 266 -4.94 3.69 8.87
N ILE B 267 -5.23 4.79 9.56
CA ILE B 267 -6.61 5.13 9.88
C ILE B 267 -6.81 6.63 9.78
N CYS B 268 -7.96 7.04 9.25
CA CYS B 268 -8.34 8.46 9.14
C CYS B 268 -9.65 8.66 9.88
N PRO B 269 -9.60 8.93 11.19
CA PRO B 269 -10.85 9.11 11.96
C PRO B 269 -11.42 10.52 11.91
N PHE B 270 -10.74 11.46 11.25
CA PHE B 270 -11.22 12.83 11.12
C PHE B 270 -11.86 13.10 9.77
N ARG B 271 -12.11 12.06 8.98
CA ARG B 271 -12.71 12.24 7.66
C ARG B 271 -14.01 13.03 7.72
N GLU B 272 -14.72 12.99 8.85
CA GLU B 272 -15.98 13.71 8.99
C GLU B 272 -16.17 14.28 10.38
N ASP B 273 -15.08 14.65 11.06
CA ASP B 273 -15.21 15.37 12.31
C ASP B 273 -15.56 16.82 12.02
N PRO B 274 -16.48 17.42 12.79
CA PRO B 274 -16.90 18.80 12.50
C PRO B 274 -15.82 19.84 12.79
N ARG B 275 -15.26 19.80 14.00
CA ARG B 275 -14.18 20.71 14.34
C ARG B 275 -12.97 20.54 13.44
N ALA B 276 -12.82 19.36 12.81
CA ALA B 276 -11.77 19.18 11.82
C ALA B 276 -11.95 20.15 10.65
N HIS B 277 -13.14 20.14 10.03
CA HIS B 277 -13.41 21.08 8.94
C HIS B 277 -13.38 22.51 9.43
N GLN B 278 -13.86 22.74 10.66
CA GLN B 278 -13.81 24.07 11.25
C GLN B 278 -12.38 24.62 11.23
N ASN B 279 -11.45 23.88 11.84
CA ASN B 279 -10.05 24.33 11.87
C ASN B 279 -9.43 24.33 10.49
N LEU B 280 -9.90 23.45 9.59
CA LEU B 280 -9.38 23.40 8.23
C LEU B 280 -9.65 24.70 7.50
N TRP B 281 -10.92 25.14 7.48
CA TRP B 281 -11.23 26.41 6.83
C TRP B 281 -10.77 27.59 7.65
N GLN B 282 -10.52 27.42 8.95
CA GLN B 282 -9.88 28.48 9.72
C GLN B 282 -8.45 28.70 9.28
N ALA B 283 -7.76 27.64 8.87
CA ALA B 283 -6.36 27.73 8.49
C ALA B 283 -6.15 27.99 7.00
N ALA B 284 -7.20 27.95 6.19
CA ALA B 284 -7.05 28.19 4.75
C ALA B 284 -6.73 29.66 4.49
N ARG B 285 -5.89 29.90 3.49
CA ARG B 285 -5.44 31.25 3.17
C ARG B 285 -5.46 31.47 1.66
N LEU B 286 -5.78 32.69 1.26
CA LEU B 286 -5.66 33.13 -0.12
C LEU B 286 -4.41 33.99 -0.26
N ARG B 287 -3.65 33.77 -1.33
CA ARG B 287 -2.41 34.51 -1.52
C ARG B 287 -2.20 34.81 -2.99
N LEU B 288 -1.85 36.05 -3.30
CA LEU B 288 -1.68 36.48 -4.68
C LEU B 288 -0.31 36.07 -5.23
N LEU B 289 -0.31 35.62 -6.48
CA LEU B 289 0.92 35.41 -7.24
C LEU B 289 1.09 36.58 -8.21
N THR B 290 0.63 36.43 -9.44
CA THR B 290 0.58 37.53 -10.39
C THR B 290 -0.75 38.28 -10.23
N LEU B 291 -0.84 39.45 -10.87
CA LEU B 291 -2.10 40.18 -10.93
C LEU B 291 -3.23 39.28 -11.43
N GLN B 292 -2.91 38.31 -12.28
CA GLN B 292 -3.91 37.41 -12.82
C GLN B 292 -3.60 35.96 -12.45
N SER B 293 -3.25 35.72 -11.19
CA SER B 293 -3.06 34.37 -10.67
C SER B 293 -3.00 34.36 -9.15
N TRP B 294 -3.77 33.48 -8.51
CA TRP B 294 -3.81 33.42 -7.05
C TRP B 294 -3.71 31.97 -6.60
N LEU B 295 -3.58 31.78 -5.29
CA LEU B 295 -3.28 30.46 -4.76
C LEU B 295 -4.00 30.27 -3.43
N LEU B 296 -4.40 29.03 -3.17
CA LEU B 296 -5.12 28.66 -1.96
C LEU B 296 -4.29 27.67 -1.16
N ASP B 297 -4.08 27.97 0.12
CA ASP B 297 -3.32 27.13 1.02
C ASP B 297 -4.27 26.53 2.06
N ALA B 298 -4.16 25.22 2.27
CA ALA B 298 -5.01 24.53 3.23
C ALA B 298 -4.31 23.24 3.66
N PRO B 299 -4.48 22.83 4.91
CA PRO B 299 -3.91 21.54 5.32
C PRO B 299 -4.44 20.37 4.49
N CYS B 300 -5.76 20.27 4.33
CA CYS B 300 -6.36 19.22 3.51
C CYS B 300 -6.80 19.80 2.17
N SER B 301 -7.29 18.92 1.30
CA SER B 301 -7.77 19.30 -0.03
C SER B 301 -9.25 18.94 -0.12
N LEU B 302 -10.11 19.95 0.06
CA LEU B 302 -11.55 19.78 -0.04
C LEU B 302 -12.08 20.43 -1.31
N PRO B 303 -13.21 19.95 -1.84
CA PRO B 303 -13.78 20.58 -3.04
C PRO B 303 -14.34 21.95 -2.73
N ALA B 304 -14.10 22.90 -3.63
CA ALA B 304 -14.54 24.28 -3.40
C ALA B 304 -14.60 25.04 -4.71
N GLU B 305 -15.50 26.02 -4.76
CA GLU B 305 -15.66 26.93 -5.87
C GLU B 305 -15.24 28.32 -5.44
N ALA B 306 -14.84 29.14 -6.42
CA ALA B 306 -14.35 30.48 -6.17
C ALA B 306 -14.96 31.43 -7.18
N ALA B 307 -15.10 32.70 -6.75
CA ALA B 307 -15.58 33.76 -7.63
C ALA B 307 -15.16 35.10 -7.06
N LEU B 308 -14.95 36.07 -7.96
CA LEU B 308 -14.63 37.42 -7.52
C LEU B 308 -15.86 38.10 -6.95
N CYS B 309 -15.62 39.01 -6.01
CA CYS B 309 -16.69 39.69 -5.28
C CYS B 309 -16.36 41.17 -5.19
N TRP B 310 -17.41 41.99 -5.11
CA TRP B 310 -17.28 43.44 -4.99
C TRP B 310 -17.69 43.86 -3.59
N ARG B 311 -16.75 44.44 -2.84
CA ARG B 311 -16.98 44.82 -1.46
C ARG B 311 -17.10 46.32 -1.35
N ALA B 312 -18.19 46.78 -0.74
CA ALA B 312 -18.36 48.19 -0.49
C ALA B 312 -17.53 48.61 0.73
N PRO B 313 -17.09 49.87 0.78
CA PRO B 313 -16.37 50.35 1.97
C PRO B 313 -17.17 50.25 3.25
N GLY B 314 -18.48 50.00 3.18
CA GLY B 314 -19.27 49.83 4.39
C GLY B 314 -18.80 48.65 5.23
N GLY B 315 -18.32 47.59 4.58
CA GLY B 315 -17.77 46.46 5.31
C GLY B 315 -18.05 45.13 4.66
N ASP B 316 -18.86 44.30 5.32
CA ASP B 316 -19.10 42.91 4.96
C ASP B 316 -19.97 42.69 3.72
N PRO B 317 -21.11 43.42 3.54
CA PRO B 317 -21.98 43.13 2.40
C PRO B 317 -21.26 43.12 1.06
N CYS B 318 -20.52 42.04 0.80
CA CYS B 318 -19.81 41.86 -0.46
C CYS B 318 -20.74 41.11 -1.42
N GLN B 319 -21.18 41.79 -2.46
CA GLN B 319 -22.05 41.17 -3.47
C GLN B 319 -21.22 40.40 -4.48
N PRO B 320 -21.45 39.10 -4.64
CA PRO B 320 -20.70 38.34 -5.65
C PRO B 320 -21.07 38.80 -7.06
N LEU B 321 -20.10 38.70 -7.96
CA LEU B 321 -20.25 39.16 -9.34
C LEU B 321 -20.73 38.07 -10.27
N VAL B 322 -21.73 37.30 -9.85
CA VAL B 322 -22.33 36.23 -10.65
C VAL B 322 -23.79 36.61 -10.91
N PRO B 323 -24.15 37.01 -12.14
CA PRO B 323 -23.35 37.15 -13.37
C PRO B 323 -22.52 38.45 -13.37
N PRO B 324 -21.64 38.66 -14.36
CA PRO B 324 -21.33 37.87 -15.57
C PRO B 324 -20.30 36.77 -15.35
N LEU B 325 -19.89 36.57 -14.10
CA LEU B 325 -18.89 35.56 -13.78
C LEU B 325 -19.58 34.26 -13.40
N SER B 326 -18.77 33.26 -13.05
CA SER B 326 -19.28 31.97 -12.59
C SER B 326 -18.36 31.43 -11.51
N TRP B 327 -18.91 30.55 -10.67
CA TRP B 327 -18.13 29.89 -9.64
C TRP B 327 -17.27 28.82 -10.28
N GLU B 328 -15.97 29.08 -10.42
CA GLU B 328 -15.06 28.11 -11.00
C GLU B 328 -14.46 27.24 -9.90
N GLN B 329 -14.33 25.95 -10.16
CA GLN B 329 -13.69 25.06 -9.20
C GLN B 329 -12.25 25.50 -8.95
N VAL B 330 -11.87 25.48 -7.69
CA VAL B 330 -10.49 25.75 -7.29
C VAL B 330 -10.02 24.56 -6.46
N THR B 331 -8.80 24.11 -6.72
CA THR B 331 -8.22 22.99 -6.02
C THR B 331 -7.09 23.48 -5.12
N VAL B 332 -6.96 22.85 -3.95
CA VAL B 332 -5.95 23.27 -2.98
C VAL B 332 -4.56 23.04 -3.55
N ASP B 333 -3.66 24.00 -3.32
CA ASP B 333 -2.28 23.95 -3.79
C ASP B 333 -2.22 23.95 -5.32
N LYS B 334 -3.14 24.68 -5.96
CA LYS B 334 -3.12 24.86 -7.41
C LYS B 334 -3.61 26.27 -7.73
N VAL B 335 -3.06 26.85 -8.80
CA VAL B 335 -3.30 28.24 -9.15
C VAL B 335 -4.61 28.36 -9.91
N LEU B 336 -5.39 29.40 -9.60
CA LEU B 336 -6.51 29.81 -10.43
C LEU B 336 -6.22 31.19 -10.98
N GLU B 337 -6.63 31.43 -12.22
CA GLU B 337 -6.31 32.67 -12.91
C GLU B 337 -7.55 33.55 -13.03
N PHE B 338 -7.37 34.84 -12.76
CA PHE B 338 -8.45 35.80 -12.84
C PHE B 338 -8.81 36.09 -14.29
N PRO B 339 -10.00 36.64 -14.54
CA PRO B 339 -10.33 37.12 -15.87
C PRO B 339 -10.36 38.64 -15.96
N LEU B 340 -9.73 39.31 -15.00
CA LEU B 340 -9.80 40.76 -14.91
C LEU B 340 -8.73 41.42 -15.77
N LEU B 341 -9.03 42.64 -16.21
CA LEU B 341 -8.02 43.45 -16.90
C LEU B 341 -7.06 44.11 -15.90
N LYS B 342 -7.60 44.67 -14.83
CA LYS B 342 -6.80 45.27 -13.78
C LYS B 342 -7.36 44.84 -12.44
N GLY B 343 -6.53 44.92 -11.40
CA GLY B 343 -6.98 44.69 -10.05
C GLY B 343 -7.50 45.95 -9.39
N HIS B 344 -8.36 45.76 -8.38
CA HIS B 344 -8.97 46.89 -7.68
C HIS B 344 -9.03 46.61 -6.18
N PRO B 345 -8.85 47.63 -5.33
CA PRO B 345 -8.90 47.39 -3.88
C PRO B 345 -10.22 46.85 -3.39
N ASN B 346 -11.32 47.13 -4.10
CA ASN B 346 -12.64 46.65 -3.73
C ASN B 346 -13.00 45.32 -4.36
N LEU B 347 -12.02 44.62 -4.94
CA LEU B 347 -12.21 43.29 -5.50
C LEU B 347 -11.72 42.24 -4.50
N CYS B 348 -12.64 41.55 -3.86
CA CYS B 348 -12.30 40.42 -3.02
C CYS B 348 -12.47 39.13 -3.80
N VAL B 349 -12.02 38.03 -3.21
CA VAL B 349 -12.28 36.70 -3.73
C VAL B 349 -13.09 35.95 -2.67
N GLN B 350 -14.23 35.43 -3.07
CA GLN B 350 -15.09 34.61 -2.22
C GLN B 350 -14.92 33.15 -2.61
N VAL B 351 -14.71 32.30 -1.62
CA VAL B 351 -14.50 30.87 -1.81
C VAL B 351 -15.55 30.15 -1.00
N GLN B 352 -16.37 29.35 -1.67
CA GLN B 352 -17.44 28.58 -1.05
C GLN B 352 -17.14 27.10 -1.20
N SER B 353 -17.70 26.30 -0.29
CA SER B 353 -17.62 24.86 -0.38
C SER B 353 -18.93 24.28 0.14
N SER B 354 -19.47 23.29 -0.57
CA SER B 354 -20.80 22.79 -0.31
C SER B 354 -21.83 23.92 -0.41
N GLU B 355 -21.56 24.87 -1.31
CA GLU B 355 -22.44 26.01 -1.55
C GLU B 355 -22.65 26.84 -0.27
N LYS B 356 -21.57 27.05 0.47
CA LYS B 356 -21.59 27.88 1.67
C LYS B 356 -20.32 28.71 1.70
N LEU B 357 -20.47 30.03 1.85
CA LEU B 357 -19.32 30.92 1.84
C LEU B 357 -18.40 30.62 3.01
N GLN B 358 -17.17 30.23 2.71
CA GLN B 358 -16.16 29.92 3.71
C GLN B 358 -15.11 31.02 3.84
N LEU B 359 -14.49 31.44 2.74
CA LEU B 359 -13.45 32.46 2.80
C LEU B 359 -13.83 33.67 1.97
N GLN B 360 -13.39 34.85 2.43
CA GLN B 360 -13.62 36.11 1.74
C GLN B 360 -12.39 36.98 1.98
N GLU B 361 -11.48 37.01 1.01
CA GLU B 361 -10.23 37.76 1.19
C GLU B 361 -9.99 38.67 0.00
N CYS B 362 -9.75 39.95 0.28
CA CYS B 362 -9.59 40.98 -0.74
C CYS B 362 -8.10 41.15 -0.99
N LEU B 363 -7.63 40.61 -2.12
CA LEU B 363 -6.20 40.39 -2.31
C LEU B 363 -5.43 41.64 -2.71
N TRP B 364 -6.12 42.70 -3.15
CA TRP B 364 -5.46 43.93 -3.56
C TRP B 364 -5.49 45.02 -2.50
N ALA B 365 -5.84 44.67 -1.26
CA ALA B 365 -6.04 45.68 -0.22
C ALA B 365 -4.73 46.22 0.36
N ASP B 366 -3.62 45.50 0.21
CA ASP B 366 -2.32 45.98 0.62
C ASP B 366 -1.49 46.51 -0.53
N SER B 367 -1.69 45.97 -1.73
CA SER B 367 -0.94 46.44 -2.90
C SER B 367 -1.54 47.72 -3.48
N LEU B 368 -2.87 47.84 -3.47
CA LEU B 368 -3.57 48.97 -4.03
C LEU B 368 -4.64 49.55 -3.11
N GLY B 369 -4.80 49.00 -1.91
CA GLY B 369 -5.87 49.39 -1.02
C GLY B 369 -5.54 50.55 -0.12
N PRO B 370 -6.39 50.81 0.89
CA PRO B 370 -7.62 50.05 1.15
C PRO B 370 -8.76 50.37 0.18
N LEU B 371 -9.97 49.96 0.53
CA LEU B 371 -11.13 50.15 -0.33
C LEU B 371 -11.28 51.62 -0.73
N LYS B 372 -11.36 51.86 -2.04
CA LYS B 372 -11.60 53.20 -2.55
C LYS B 372 -13.10 53.47 -2.65
N ASP B 373 -13.46 54.75 -2.61
CA ASP B 373 -14.86 55.17 -2.75
C ASP B 373 -15.21 55.20 -4.24
N ASP B 374 -15.27 54.00 -4.83
CA ASP B 374 -15.56 53.83 -6.25
C ASP B 374 -16.84 53.02 -6.42
N VAL B 375 -17.70 53.47 -7.34
CA VAL B 375 -18.94 52.79 -7.67
C VAL B 375 -18.70 51.87 -8.86
N LEU B 376 -19.28 50.67 -8.78
CA LEU B 376 -19.15 49.67 -9.83
C LEU B 376 -20.28 49.82 -10.84
N LEU B 377 -19.95 49.78 -12.12
CA LEU B 377 -20.89 49.92 -13.21
C LEU B 377 -20.80 48.72 -14.14
N LEU B 378 -21.95 48.30 -14.67
CA LEU B 378 -22.05 47.12 -15.52
C LEU B 378 -22.80 47.53 -16.79
N GLU B 379 -22.08 47.69 -17.89
CA GLU B 379 -22.69 48.09 -19.15
C GLU B 379 -22.95 46.87 -20.02
N THR B 380 -24.09 46.87 -20.69
CA THR B 380 -24.54 45.75 -21.53
C THR B 380 -24.76 46.28 -22.94
N ARG B 381 -24.05 45.71 -23.90
CA ARG B 381 -24.11 46.17 -25.29
C ARG B 381 -25.34 45.55 -25.93
N GLY B 382 -26.40 46.33 -26.04
CA GLY B 382 -27.61 45.87 -26.65
C GLY B 382 -27.48 45.74 -28.15
N PRO B 383 -28.59 45.43 -28.82
CA PRO B 383 -28.58 45.37 -30.27
C PRO B 383 -28.16 46.70 -30.86
N GLN B 384 -27.70 46.64 -32.11
CA GLN B 384 -27.11 47.78 -32.80
C GLN B 384 -25.93 48.37 -32.03
N ASP B 385 -25.31 47.56 -31.18
CA ASP B 385 -24.13 47.97 -30.42
C ASP B 385 -24.40 49.21 -29.56
N GLN B 386 -25.62 49.32 -29.03
CA GLN B 386 -25.92 50.37 -28.07
C GLN B 386 -25.17 50.12 -26.78
N ARG B 387 -25.32 51.04 -25.83
CA ARG B 387 -24.69 50.92 -24.51
C ARG B 387 -25.66 51.40 -23.46
N SER B 388 -26.09 50.49 -22.59
CA SER B 388 -26.94 50.81 -21.46
C SER B 388 -26.21 50.44 -20.17
N LEU B 389 -26.26 51.33 -19.19
CA LEU B 389 -25.42 51.23 -18.01
C LEU B 389 -26.24 50.98 -16.75
N CYS B 390 -25.66 50.21 -15.84
CA CYS B 390 -26.26 49.93 -14.54
C CYS B 390 -25.19 50.03 -13.47
N ALA B 391 -25.60 50.48 -12.28
CA ALA B 391 -24.70 50.71 -11.15
C ALA B 391 -25.03 49.71 -10.04
N LEU B 392 -24.03 48.92 -9.64
CA LEU B 392 -24.22 47.92 -8.60
C LEU B 392 -24.17 48.59 -7.23
N GLU B 393 -25.33 48.85 -6.67
CA GLU B 393 -25.52 49.32 -5.32
C GLU B 393 -25.82 48.16 -4.40
N PRO B 394 -25.70 48.34 -3.08
CA PRO B 394 -26.05 47.25 -2.16
C PRO B 394 -27.45 46.69 -2.34
N SER B 395 -28.42 47.52 -2.72
CA SER B 395 -29.79 47.07 -2.98
C SER B 395 -29.96 46.71 -4.46
N GLY B 396 -29.16 45.73 -4.90
CA GLY B 396 -29.12 45.36 -6.30
C GLY B 396 -28.58 46.47 -7.19
N CYS B 397 -28.79 46.28 -8.49
CA CYS B 397 -28.31 47.21 -9.50
C CYS B 397 -29.41 48.18 -9.92
N THR B 398 -29.00 49.40 -10.29
CA THR B 398 -29.94 50.45 -10.72
C THR B 398 -29.50 51.00 -12.08
N SER B 399 -30.44 51.02 -13.03
CA SER B 399 -30.11 51.49 -14.37
C SER B 399 -29.97 53.00 -14.40
N LEU B 400 -29.10 53.49 -15.28
CA LEU B 400 -28.80 54.91 -15.33
C LEU B 400 -29.20 55.50 -16.67
N PRO B 401 -29.76 56.73 -16.69
CA PRO B 401 -30.06 57.51 -15.48
C PRO B 401 -31.38 57.09 -14.83
N SER B 402 -31.46 57.25 -13.51
CA SER B 402 -32.64 56.87 -12.74
C SER B 402 -33.15 58.06 -11.95
N LYS B 403 -34.41 57.96 -11.53
CA LYS B 403 -35.11 59.04 -10.83
C LYS B 403 -35.17 58.81 -9.32
N ALA B 404 -34.36 57.90 -8.79
CA ALA B 404 -34.41 57.57 -7.37
C ALA B 404 -33.62 58.59 -6.56
N SER B 405 -33.63 58.41 -5.24
CA SER B 405 -32.86 59.24 -4.33
C SER B 405 -31.59 58.55 -3.85
N THR B 406 -31.28 57.37 -4.38
CA THR B 406 -30.03 56.71 -4.05
C THR B 406 -28.85 57.56 -4.51
N ARG B 407 -27.69 57.35 -3.86
CA ARG B 407 -26.53 58.18 -4.16
C ARG B 407 -26.11 58.08 -5.62
N ALA B 408 -26.36 56.94 -6.26
CA ALA B 408 -25.94 56.76 -7.65
C ALA B 408 -26.93 57.41 -8.62
N ALA B 409 -28.23 57.32 -8.33
CA ALA B 409 -29.23 57.88 -9.24
C ALA B 409 -29.27 59.41 -9.18
N ARG B 410 -29.07 59.99 -7.99
CA ARG B 410 -28.99 61.44 -7.88
C ARG B 410 -27.86 61.99 -8.75
N LEU B 411 -26.73 61.29 -8.77
CA LEU B 411 -25.54 61.73 -9.49
C LEU B 411 -25.26 60.88 -10.74
N GLY B 412 -26.28 60.22 -11.28
CA GLY B 412 -26.07 59.35 -12.43
C GLY B 412 -25.57 60.09 -13.66
N GLU B 413 -26.05 61.31 -13.87
CA GLU B 413 -25.59 62.10 -15.01
C GLU B 413 -24.10 62.42 -14.91
N TYR B 414 -23.65 62.82 -13.72
CA TYR B 414 -22.22 63.05 -13.52
C TYR B 414 -21.42 61.76 -13.73
N LEU B 415 -21.99 60.61 -13.38
CA LEU B 415 -21.31 59.34 -13.59
C LEU B 415 -21.16 59.02 -15.07
N LEU B 416 -22.22 59.25 -15.86
CA LEU B 416 -22.13 59.05 -17.30
C LEU B 416 -21.10 60.00 -17.91
N GLN B 417 -21.10 61.26 -17.47
CA GLN B 417 -20.08 62.21 -17.91
C GLN B 417 -18.67 61.71 -17.58
N ASP B 418 -18.51 61.11 -16.40
CA ASP B 418 -17.20 60.56 -16.02
C ASP B 418 -16.80 59.41 -16.94
N LEU B 419 -17.73 58.50 -17.24
CA LEU B 419 -17.37 57.35 -18.07
C LEU B 419 -17.01 57.79 -19.48
N GLN B 420 -17.91 58.51 -20.16
CA GLN B 420 -17.68 58.83 -21.57
C GLN B 420 -16.47 59.73 -21.77
N SER B 421 -15.91 60.30 -20.70
CA SER B 421 -14.65 61.04 -20.77
C SER B 421 -13.44 60.17 -20.48
N GLY B 422 -13.64 58.89 -20.16
CA GLY B 422 -12.54 57.98 -19.89
C GLY B 422 -11.99 58.02 -18.49
N GLN B 423 -12.67 58.70 -17.56
CA GLN B 423 -12.17 58.80 -16.19
C GLN B 423 -12.41 57.54 -15.38
N CYS B 424 -13.17 56.58 -15.89
CA CYS B 424 -13.44 55.34 -15.18
C CYS B 424 -12.46 54.26 -15.61
N LEU B 425 -12.26 53.29 -14.72
CA LEU B 425 -11.29 52.22 -14.91
C LEU B 425 -12.00 50.97 -15.40
N GLN B 426 -11.63 50.49 -16.58
CA GLN B 426 -12.20 49.26 -17.11
C GLN B 426 -11.56 48.06 -16.44
N LEU B 427 -12.39 47.09 -16.06
CA LEU B 427 -11.95 45.89 -15.39
C LEU B 427 -12.20 44.62 -16.18
N TRP B 428 -13.20 44.61 -17.07
CA TRP B 428 -13.52 43.43 -17.85
C TRP B 428 -14.24 43.85 -19.13
N ASP B 429 -13.78 43.29 -20.25
CA ASP B 429 -14.32 43.57 -21.58
C ASP B 429 -14.88 42.29 -22.18
N ASP B 430 -15.96 42.42 -22.94
CA ASP B 430 -16.62 41.30 -23.57
C ASP B 430 -17.09 41.74 -24.95
N ASP B 431 -17.77 40.83 -25.66
CA ASP B 431 -18.45 41.21 -26.89
C ASP B 431 -19.80 41.84 -26.61
N LEU B 432 -20.43 41.49 -25.50
CA LEU B 432 -21.75 41.99 -25.13
C LEU B 432 -21.80 42.28 -23.63
N GLY B 433 -20.77 42.98 -23.13
CA GLY B 433 -20.72 43.31 -21.72
C GLY B 433 -19.41 43.94 -21.30
N ALA B 434 -19.46 44.79 -20.27
CA ALA B 434 -18.24 45.39 -19.75
C ALA B 434 -18.46 45.87 -18.32
N LEU B 435 -17.36 45.93 -17.57
CA LEU B 435 -17.39 46.31 -16.16
C LEU B 435 -16.45 47.47 -15.91
N TRP B 436 -16.88 48.41 -15.05
CA TRP B 436 -16.12 49.63 -14.80
C TRP B 436 -16.22 50.00 -13.34
N ALA B 437 -15.29 50.85 -12.89
CA ALA B 437 -15.29 51.39 -11.54
C ALA B 437 -14.93 52.86 -11.60
N CYS B 438 -15.74 53.71 -10.95
CA CYS B 438 -15.56 55.15 -11.04
C CYS B 438 -15.44 55.77 -9.65
N PRO B 439 -14.43 56.60 -9.41
CA PRO B 439 -14.26 57.18 -8.06
C PRO B 439 -15.29 58.25 -7.75
N MET B 440 -15.56 58.42 -6.45
CA MET B 440 -16.62 59.30 -5.97
C MET B 440 -16.12 60.41 -5.05
N ASP B 441 -14.81 60.57 -4.91
CA ASP B 441 -14.28 61.56 -3.99
C ASP B 441 -14.60 62.99 -4.41
N LYS B 442 -14.94 63.20 -5.69
CA LYS B 442 -15.19 64.54 -6.19
C LYS B 442 -16.51 65.13 -5.70
N TYR B 443 -17.44 64.30 -5.25
CA TYR B 443 -18.75 64.76 -4.79
C TYR B 443 -18.88 64.75 -3.27
N ILE B 444 -17.93 64.15 -2.56
CA ILE B 444 -17.99 64.09 -1.10
C ILE B 444 -16.92 64.99 -0.51
#